data_2LIV
#
_entry.id   2LIV
#
_cell.length_a   39.880
_cell.length_b   70.990
_cell.length_c   115.630
_cell.angle_alpha   90.00
_cell.angle_beta   90.00
_cell.angle_gamma   90.00
#
_symmetry.space_group_name_H-M   'P 21 21 21'
#
loop_
_entity.id
_entity.type
_entity.pdbx_description
1 polymer LEUCINE
2 water water
#
_entity_poly.entity_id   1
_entity_poly.type   'polypeptide(L)'
_entity_poly.pdbx_seq_one_letter_code
;EDIKVAVVGAMSGPVAQYGDQEFTGAEQAVADINAKGGIKGNKLQIAKYDDACDPKQAVAVANKVVNDGIKYVIGHLCSS
STQPASDIYEDEGILMITPAATAPELTARGYQLILRTTGLDSDQGPTAAKYILEKVKPQRIAIVHDKQQYGEGLARAVQD
GLKKGNANVVFFDGITAGEKDFSTLVARLKKENIDFVYYGGYHPEMGQILRQARAAGLKTQFMGPEGVANVSLSNIAGES
AEGLLVTKPKNYDQVPANKPIVDAIKAKKQDPSGAFVWTTYAALQSLQAGLNQSDDPAEIAKYLKANSVDTVMGPLTWDE
KGDLKGFEFGVFDWHANGTATDAK
;
_entity_poly.pdbx_strand_id   A
#
# COMPACT_ATOMS: atom_id res chain seq x y z
N GLU A 1 2.71 26.99 -23.60
CA GLU A 1 2.32 26.18 -22.47
C GLU A 1 2.90 24.77 -22.55
N ASP A 2 3.20 24.21 -21.46
CA ASP A 2 3.64 23.32 -20.51
C ASP A 2 2.54 23.12 -19.41
N ILE A 3 2.32 21.90 -19.02
CA ILE A 3 1.38 21.52 -17.99
C ILE A 3 2.09 21.45 -16.64
N LYS A 4 1.49 22.03 -15.65
CA LYS A 4 2.01 22.04 -14.29
C LYS A 4 1.15 21.09 -13.43
N VAL A 5 1.95 20.34 -12.71
CA VAL A 5 1.52 19.33 -11.76
C VAL A 5 2.27 19.71 -10.46
N ALA A 6 1.51 19.74 -9.39
CA ALA A 6 2.00 20.01 -8.05
C ALA A 6 2.25 18.59 -7.49
N VAL A 7 3.48 18.33 -7.11
CA VAL A 7 3.80 17.01 -6.48
C VAL A 7 3.92 17.42 -5.02
N VAL A 8 3.07 16.97 -4.13
CA VAL A 8 3.14 17.37 -2.70
C VAL A 8 3.71 16.23 -1.83
N GLY A 9 4.81 16.55 -1.19
CA GLY A 9 5.57 15.70 -0.31
C GLY A 9 6.05 16.42 0.95
N ALA A 10 6.76 15.65 1.71
CA ALA A 10 7.49 15.84 2.94
C ALA A 10 8.97 15.61 2.50
N MET A 11 9.63 16.67 2.28
CA MET A 11 11.04 16.59 1.81
C MET A 11 11.86 17.30 2.90
N SER A 12 11.17 17.37 4.02
CA SER A 12 11.40 17.96 5.28
C SER A 12 11.65 17.32 6.61
N GLY A 13 10.74 16.46 7.09
CA GLY A 13 10.89 15.92 8.45
C GLY A 13 11.68 14.63 8.55
N PRO A 14 11.06 13.67 9.20
CA PRO A 14 11.54 12.31 9.46
C PRO A 14 10.94 11.40 8.38
N VAL A 15 9.86 11.99 7.84
CA VAL A 15 9.07 11.47 6.75
C VAL A 15 9.73 11.85 5.40
N ALA A 16 10.77 12.63 5.48
CA ALA A 16 11.52 13.11 4.32
C ALA A 16 11.94 11.94 3.41
N GLN A 17 11.92 10.79 3.97
CA GLN A 17 12.28 9.53 3.31
C GLN A 17 11.15 9.03 2.43
N TYR A 18 9.92 9.44 2.75
CA TYR A 18 8.79 9.03 1.90
C TYR A 18 8.67 10.07 0.79
N GLY A 19 8.82 11.34 1.14
CA GLY A 19 8.81 12.45 0.22
C GLY A 19 9.86 12.22 -0.88
N ASP A 20 10.98 11.61 -0.47
CA ASP A 20 12.11 11.34 -1.36
C ASP A 20 11.73 10.32 -2.45
N GLN A 21 11.01 9.32 -1.99
CA GLN A 21 10.55 8.25 -2.88
C GLN A 21 9.63 8.86 -3.93
N GLU A 22 8.66 9.67 -3.52
CA GLU A 22 7.73 10.27 -4.48
C GLU A 22 8.38 11.27 -5.44
N PHE A 23 9.21 12.16 -5.00
CA PHE A 23 9.92 13.08 -5.89
C PHE A 23 10.75 12.22 -6.82
N THR A 24 11.37 11.12 -6.42
CA THR A 24 12.12 10.30 -7.36
C THR A 24 11.16 9.61 -8.35
N GLY A 25 9.96 9.27 -8.01
CA GLY A 25 9.05 8.53 -8.93
C GLY A 25 8.46 9.55 -9.87
N ALA A 26 8.07 10.68 -9.25
CA ALA A 26 7.45 11.77 -10.03
C ALA A 26 8.43 12.25 -11.08
N GLU A 27 9.63 12.63 -10.64
CA GLU A 27 10.68 13.09 -11.56
C GLU A 27 11.02 12.15 -12.68
N GLN A 28 11.10 10.86 -12.41
CA GLN A 28 11.44 9.87 -13.45
C GLN A 28 10.31 9.84 -14.46
N ALA A 29 9.08 9.81 -13.96
CA ALA A 29 7.86 9.75 -14.74
C ALA A 29 7.76 10.84 -15.77
N VAL A 30 7.93 12.06 -15.37
CA VAL A 30 7.88 13.27 -16.18
C VAL A 30 8.98 13.27 -17.23
N ALA A 31 10.16 12.81 -16.84
CA ALA A 31 11.23 12.82 -17.89
C ALA A 31 10.91 11.78 -18.96
N ASP A 32 10.29 10.65 -18.57
CA ASP A 32 9.95 9.59 -19.52
C ASP A 32 8.82 10.05 -20.44
N ILE A 33 7.84 10.68 -19.85
CA ILE A 33 6.62 11.11 -20.57
C ILE A 33 6.95 12.21 -21.57
N ASN A 34 7.83 13.10 -21.09
CA ASN A 34 8.05 14.24 -22.04
C ASN A 34 9.12 13.96 -23.02
N ALA A 35 9.98 13.01 -22.70
CA ALA A 35 11.05 12.56 -23.63
C ALA A 35 10.37 11.89 -24.83
N LYS A 36 9.22 11.27 -24.57
CA LYS A 36 8.47 10.59 -25.63
C LYS A 36 7.43 11.51 -26.26
N GLY A 37 7.46 12.80 -26.12
CA GLY A 37 6.46 13.66 -26.74
C GLY A 37 5.60 14.51 -25.83
N GLY A 38 5.56 14.20 -24.54
CA GLY A 38 4.70 15.00 -23.62
C GLY A 38 3.28 14.58 -24.00
N ILE A 39 2.35 15.48 -23.88
CA ILE A 39 0.92 15.28 -24.17
C ILE A 39 0.55 16.20 -25.34
N LYS A 40 0.71 15.54 -26.49
CA LYS A 40 0.46 16.11 -27.80
C LYS A 40 1.38 17.27 -28.08
N GLY A 41 2.59 17.19 -27.51
CA GLY A 41 3.66 18.14 -27.59
C GLY A 41 3.79 19.06 -26.41
N ASN A 42 2.86 18.98 -25.48
CA ASN A 42 2.77 19.73 -24.23
C ASN A 42 3.55 18.93 -23.14
N LYS A 43 4.62 19.52 -22.70
CA LYS A 43 5.47 18.94 -21.69
C LYS A 43 4.91 19.31 -20.30
N LEU A 44 5.12 18.34 -19.42
CA LEU A 44 4.76 18.37 -18.02
C LEU A 44 5.95 19.07 -17.28
N GLN A 45 5.47 19.79 -16.28
CA GLN A 45 6.37 20.54 -15.42
C GLN A 45 5.90 20.37 -14.00
N ILE A 46 6.68 19.67 -13.23
CA ILE A 46 6.49 19.34 -11.80
C ILE A 46 6.73 20.69 -11.09
N ALA A 47 5.92 21.01 -10.16
CA ALA A 47 6.06 22.28 -9.40
C ALA A 47 5.75 21.77 -8.00
N LYS A 48 6.77 21.49 -7.27
CA LYS A 48 6.99 20.93 -5.98
C LYS A 48 6.67 21.76 -4.74
N TYR A 49 6.04 21.11 -3.75
CA TYR A 49 5.68 21.77 -2.51
C TYR A 49 6.00 20.87 -1.32
N ASP A 50 5.92 21.53 -0.18
CA ASP A 50 6.20 20.93 1.11
C ASP A 50 5.11 21.12 2.18
N ASP A 51 4.63 20.00 2.58
CA ASP A 51 3.61 19.61 3.51
C ASP A 51 4.22 19.53 4.95
N ALA A 52 5.36 18.85 4.92
CA ALA A 52 6.13 18.57 6.13
C ALA A 52 5.39 17.55 6.99
N CYS A 53 4.22 17.22 6.53
CA CYS A 53 3.20 16.34 6.98
C CYS A 53 2.49 16.89 8.22
N ASP A 54 2.16 18.16 8.15
CA ASP A 54 1.41 18.91 9.19
C ASP A 54 0.09 19.36 8.51
N PRO A 55 -1.03 18.97 9.04
CA PRO A 55 -2.36 19.27 8.50
C PRO A 55 -2.66 20.73 8.33
N LYS A 56 -1.92 21.61 8.96
CA LYS A 56 -2.06 23.08 8.91
C LYS A 56 -1.18 23.60 7.76
N GLN A 57 -0.06 22.87 7.66
CA GLN A 57 0.86 23.15 6.54
C GLN A 57 0.09 22.78 5.26
N ALA A 58 -0.46 21.60 5.21
CA ALA A 58 -1.20 20.99 4.13
C ALA A 58 -2.21 21.88 3.48
N VAL A 59 -2.95 22.59 4.31
CA VAL A 59 -4.01 23.53 3.80
C VAL A 59 -3.35 24.76 3.19
N ALA A 60 -2.22 25.14 3.80
CA ALA A 60 -1.38 26.24 3.35
C ALA A 60 -0.90 25.89 1.93
N VAL A 61 -0.29 24.75 1.73
CA VAL A 61 0.19 24.33 0.41
C VAL A 61 -0.98 24.26 -0.57
N ALA A 62 -2.17 23.85 -0.10
CA ALA A 62 -3.37 23.73 -0.96
C ALA A 62 -3.92 25.08 -1.39
N ASN A 63 -3.72 26.06 -0.54
CA ASN A 63 -4.16 27.46 -0.84
C ASN A 63 -3.19 28.07 -1.86
N LYS A 64 -1.95 27.66 -1.82
CA LYS A 64 -0.88 28.12 -2.73
C LYS A 64 -1.04 27.45 -4.12
N VAL A 65 -1.35 26.16 -4.12
CA VAL A 65 -1.54 25.34 -5.32
C VAL A 65 -2.60 26.02 -6.17
N VAL A 66 -3.65 26.45 -5.49
CA VAL A 66 -4.82 27.10 -6.04
C VAL A 66 -4.57 28.45 -6.71
N ASN A 67 -4.02 29.34 -5.89
CA ASN A 67 -3.65 30.74 -6.16
C ASN A 67 -2.45 30.74 -7.10
N ASP A 68 -1.97 29.56 -7.42
CA ASP A 68 -0.81 29.42 -8.35
C ASP A 68 -1.33 28.89 -9.68
N GLY A 69 -2.62 28.65 -9.72
CA GLY A 69 -3.31 28.13 -10.90
C GLY A 69 -3.02 26.68 -11.22
N ILE A 70 -2.52 25.91 -10.27
CA ILE A 70 -2.21 24.47 -10.53
C ILE A 70 -3.54 23.74 -10.45
N LYS A 71 -3.83 22.83 -11.36
CA LYS A 71 -5.07 22.06 -11.36
C LYS A 71 -4.86 20.57 -11.13
N TYR A 72 -3.63 20.10 -11.18
CA TYR A 72 -3.40 18.63 -11.02
C TYR A 72 -2.46 18.42 -9.85
N VAL A 73 -2.93 17.82 -8.79
CA VAL A 73 -2.00 17.64 -7.66
C VAL A 73 -1.73 16.12 -7.57
N ILE A 74 -0.47 15.85 -7.41
CA ILE A 74 0.12 14.56 -7.22
C ILE A 74 0.54 14.59 -5.72
N GLY A 75 -0.23 13.72 -5.06
CA GLY A 75 -0.05 13.57 -3.67
C GLY A 75 -1.30 13.74 -2.77
N HIS A 76 -0.75 14.12 -1.69
CA HIS A 76 -0.51 14.40 -0.36
C HIS A 76 -0.06 13.03 0.22
N LEU A 77 1.11 13.04 0.80
CA LEU A 77 1.77 11.88 1.41
C LEU A 77 1.14 11.14 2.58
N CYS A 78 0.87 11.79 3.69
CA CYS A 78 0.30 11.30 4.93
C CYS A 78 -1.21 11.47 5.01
N SER A 79 -1.96 10.54 5.56
CA SER A 79 -3.41 10.69 5.67
C SER A 79 -3.83 11.93 6.42
N SER A 80 -3.07 12.38 7.38
CA SER A 80 -3.36 13.55 8.18
C SER A 80 -3.23 14.86 7.41
N SER A 81 -2.36 14.94 6.48
CA SER A 81 -2.10 16.14 5.68
C SER A 81 -3.11 16.39 4.57
N THR A 82 -3.41 15.29 3.90
CA THR A 82 -4.19 15.08 2.73
C THR A 82 -5.67 15.32 2.90
N GLN A 83 -6.18 14.78 4.00
CA GLN A 83 -7.64 14.88 4.28
C GLN A 83 -8.01 16.34 4.18
N PRO A 84 -7.36 17.18 5.01
CA PRO A 84 -7.55 18.61 5.05
C PRO A 84 -7.44 19.34 3.71
N ALA A 85 -6.45 19.10 2.89
CA ALA A 85 -6.34 19.74 1.56
C ALA A 85 -7.36 19.15 0.55
N SER A 86 -7.78 17.94 0.80
CA SER A 86 -8.78 17.16 0.05
C SER A 86 -10.00 18.07 -0.18
N ASP A 87 -10.50 18.65 0.89
CA ASP A 87 -11.66 19.57 0.92
C ASP A 87 -11.43 20.82 0.05
N ILE A 88 -10.26 21.38 0.40
CA ILE A 88 -9.77 22.53 -0.31
C ILE A 88 -9.73 22.22 -1.80
N TYR A 89 -9.14 21.07 -2.20
CA TYR A 89 -9.11 20.75 -3.63
C TYR A 89 -10.50 20.47 -4.18
N GLU A 90 -11.47 19.85 -3.49
CA GLU A 90 -12.78 19.58 -4.12
C GLU A 90 -13.52 20.90 -4.33
N ASP A 91 -13.46 21.72 -3.32
CA ASP A 91 -14.07 23.04 -3.29
C ASP A 91 -13.72 23.83 -4.56
N GLU A 92 -12.53 23.58 -5.06
CA GLU A 92 -12.06 24.31 -6.24
C GLU A 92 -11.71 23.54 -7.46
N GLY A 93 -12.28 22.39 -7.70
CA GLY A 93 -12.11 21.57 -8.88
C GLY A 93 -10.66 21.49 -9.29
N ILE A 94 -9.94 20.73 -8.54
CA ILE A 94 -8.51 20.48 -8.71
C ILE A 94 -8.47 18.97 -8.49
N LEU A 95 -7.90 18.27 -9.42
CA LEU A 95 -7.82 16.77 -9.21
C LEU A 95 -6.63 16.49 -8.31
N MET A 96 -6.80 15.67 -7.33
CA MET A 96 -5.79 15.20 -6.38
C MET A 96 -5.58 13.69 -6.61
N ILE A 97 -4.40 13.24 -6.88
CA ILE A 97 -4.07 11.78 -7.00
C ILE A 97 -3.04 11.48 -5.89
N THR A 98 -3.46 10.59 -4.93
CA THR A 98 -2.49 10.22 -3.86
C THR A 98 -1.85 8.85 -4.03
N PRO A 99 -0.52 8.84 -3.91
CA PRO A 99 0.28 7.62 -4.04
C PRO A 99 0.69 6.96 -2.73
N ALA A 100 0.12 7.39 -1.60
CA ALA A 100 0.46 6.87 -0.27
C ALA A 100 -0.53 7.00 0.86
N ALA A 101 -1.58 7.80 0.81
CA ALA A 101 -2.58 7.97 1.90
C ALA A 101 -3.52 6.79 1.74
N THR A 102 -3.73 6.13 2.85
CA THR A 102 -4.51 4.87 2.90
C THR A 102 -5.67 4.91 3.84
N ALA A 103 -5.95 6.14 4.30
CA ALA A 103 -7.05 6.38 5.28
C ALA A 103 -8.35 6.17 4.54
N PRO A 104 -9.15 5.24 5.01
CA PRO A 104 -10.43 4.92 4.32
C PRO A 104 -11.39 6.07 4.20
N GLU A 105 -11.36 7.06 5.05
CA GLU A 105 -12.30 8.18 4.99
C GLU A 105 -12.05 9.23 3.93
N LEU A 106 -10.85 9.18 3.32
CA LEU A 106 -10.49 10.15 2.27
C LEU A 106 -11.47 9.92 1.11
N THR A 107 -11.90 8.70 1.04
CA THR A 107 -12.77 8.10 0.03
C THR A 107 -14.17 7.78 0.37
N ALA A 108 -14.59 8.07 1.59
CA ALA A 108 -15.90 7.86 2.18
C ALA A 108 -16.86 9.05 2.14
N ARG A 109 -16.37 10.20 1.72
CA ARG A 109 -17.03 11.49 1.65
C ARG A 109 -17.82 11.89 0.47
N GLY A 110 -17.66 11.34 -0.71
CA GLY A 110 -18.50 11.71 -1.86
C GLY A 110 -17.85 12.77 -2.71
N TYR A 111 -16.59 12.91 -2.42
CA TYR A 111 -15.71 13.83 -3.22
C TYR A 111 -15.55 13.11 -4.57
N GLN A 112 -15.28 13.81 -5.64
CA GLN A 112 -15.24 13.21 -6.97
C GLN A 112 -13.90 13.38 -7.66
N LEU A 113 -13.04 14.19 -7.04
CA LEU A 113 -11.74 14.50 -7.65
C LEU A 113 -10.58 13.87 -6.93
N ILE A 114 -10.84 12.89 -6.09
CA ILE A 114 -9.85 12.13 -5.38
C ILE A 114 -9.62 10.75 -6.01
N LEU A 115 -8.37 10.45 -6.27
CA LEU A 115 -8.01 9.08 -6.78
C LEU A 115 -6.79 8.66 -5.95
N ARG A 116 -6.62 7.40 -5.69
CA ARG A 116 -5.48 6.82 -4.96
C ARG A 116 -4.73 5.93 -5.97
N THR A 117 -3.45 5.76 -5.77
CA THR A 117 -2.66 4.87 -6.59
C THR A 117 -1.83 3.96 -5.67
N THR A 118 -2.32 3.70 -4.51
CA THR A 118 -1.90 2.81 -3.49
C THR A 118 -3.13 1.91 -3.06
N GLY A 119 -2.84 0.70 -2.74
CA GLY A 119 -3.69 -0.31 -2.17
C GLY A 119 -3.97 0.17 -0.71
N LEU A 120 -4.91 -0.42 -0.03
CA LEU A 120 -5.34 0.01 1.29
C LEU A 120 -5.15 -1.23 2.18
N ASP A 121 -5.05 -0.98 3.47
CA ASP A 121 -4.84 -2.10 4.41
C ASP A 121 -5.87 -3.17 4.18
N SER A 122 -7.09 -2.75 4.04
CA SER A 122 -8.26 -3.62 3.85
C SER A 122 -7.96 -4.66 2.77
N ASP A 123 -7.27 -4.18 1.78
CA ASP A 123 -6.84 -4.89 0.59
C ASP A 123 -6.02 -6.14 0.89
N GLN A 124 -5.39 -6.22 2.03
CA GLN A 124 -4.56 -7.39 2.40
C GLN A 124 -5.33 -8.66 2.79
N GLY A 125 -6.57 -8.62 3.18
CA GLY A 125 -7.47 -9.69 3.64
C GLY A 125 -7.80 -10.63 2.51
N PRO A 126 -8.30 -9.98 1.48
CA PRO A 126 -8.62 -10.66 0.20
C PRO A 126 -7.31 -11.20 -0.35
N THR A 127 -6.21 -10.47 -0.16
CA THR A 127 -4.94 -11.03 -0.70
C THR A 127 -4.70 -12.37 0.05
N ALA A 128 -4.56 -12.32 1.35
CA ALA A 128 -4.34 -13.49 2.20
C ALA A 128 -5.27 -14.66 1.84
N ALA A 129 -6.55 -14.44 1.94
CA ALA A 129 -7.64 -15.39 1.71
C ALA A 129 -7.45 -16.14 0.43
N LYS A 130 -7.12 -15.38 -0.60
CA LYS A 130 -6.91 -15.95 -1.94
C LYS A 130 -5.76 -16.90 -2.03
N TYR A 131 -4.65 -16.52 -1.43
CA TYR A 131 -3.35 -17.20 -1.40
C TYR A 131 -3.52 -18.51 -0.70
N ILE A 132 -4.18 -18.43 0.46
CA ILE A 132 -4.46 -19.62 1.29
C ILE A 132 -5.29 -20.66 0.55
N LEU A 133 -6.33 -20.21 -0.08
CA LEU A 133 -7.35 -20.88 -0.82
C LEU A 133 -6.78 -21.65 -1.99
N GLU A 134 -6.09 -20.90 -2.83
CA GLU A 134 -5.46 -21.44 -4.03
C GLU A 134 -4.05 -21.98 -3.95
N LYS A 135 -3.19 -21.46 -3.10
CA LYS A 135 -1.79 -21.88 -3.07
C LYS A 135 -1.40 -22.71 -1.87
N VAL A 136 -1.78 -22.25 -0.68
CA VAL A 136 -1.45 -23.02 0.50
C VAL A 136 -2.34 -24.24 0.68
N LYS A 137 -3.62 -24.08 0.51
CA LYS A 137 -4.65 -25.11 0.73
C LYS A 137 -4.47 -25.89 2.03
N PRO A 138 -4.46 -25.20 3.17
CA PRO A 138 -4.27 -25.79 4.50
C PRO A 138 -5.41 -26.74 4.82
N GLN A 139 -5.42 -27.49 5.90
CA GLN A 139 -6.42 -28.46 6.30
C GLN A 139 -7.31 -27.98 7.45
N ARG A 140 -6.73 -27.32 8.43
CA ARG A 140 -7.49 -26.86 9.61
C ARG A 140 -6.89 -25.55 10.01
N ILE A 141 -7.65 -24.52 9.74
CA ILE A 141 -7.21 -23.13 10.00
C ILE A 141 -7.67 -22.47 11.26
N ALA A 142 -6.79 -21.85 12.02
CA ALA A 142 -7.19 -21.06 13.19
C ALA A 142 -6.98 -19.58 12.83
N ILE A 143 -7.74 -18.63 13.26
CA ILE A 143 -7.44 -17.21 12.89
C ILE A 143 -7.34 -16.48 14.23
N VAL A 144 -6.27 -15.80 14.49
CA VAL A 144 -6.11 -15.10 15.78
C VAL A 144 -5.79 -13.63 15.49
N HIS A 145 -6.28 -12.76 16.37
CA HIS A 145 -6.08 -11.32 16.22
C HIS A 145 -5.86 -10.71 17.60
N ASP A 146 -5.51 -9.43 17.57
CA ASP A 146 -5.16 -8.74 18.82
C ASP A 146 -6.33 -7.91 19.31
N LYS A 147 -7.45 -8.13 18.71
CA LYS A 147 -8.67 -7.39 19.01
C LYS A 147 -8.35 -5.89 18.86
N GLN A 148 -7.30 -5.64 18.08
CA GLN A 148 -6.96 -4.23 17.76
C GLN A 148 -7.76 -4.10 16.42
N GLN A 149 -7.92 -2.89 16.04
CA GLN A 149 -8.77 -2.63 14.83
C GLN A 149 -8.13 -3.15 13.60
N TYR A 150 -6.94 -2.66 13.30
CA TYR A 150 -6.16 -3.07 12.15
C TYR A 150 -6.32 -4.59 11.95
N GLY A 151 -5.76 -5.23 12.99
CA GLY A 151 -5.64 -6.66 13.07
C GLY A 151 -6.91 -7.41 13.05
N GLU A 152 -7.93 -6.85 13.74
CA GLU A 152 -9.21 -7.59 13.83
C GLU A 152 -9.97 -7.51 12.52
N GLY A 153 -9.88 -6.35 11.92
CA GLY A 153 -10.52 -6.11 10.60
C GLY A 153 -9.88 -7.04 9.58
N LEU A 154 -8.56 -7.17 9.59
CA LEU A 154 -7.90 -8.11 8.65
C LEU A 154 -8.23 -9.54 9.02
N ALA A 155 -8.25 -9.98 10.25
CA ALA A 155 -8.61 -11.37 10.62
C ALA A 155 -10.05 -11.68 10.20
N ARG A 156 -10.88 -10.66 10.32
CA ARG A 156 -12.34 -10.77 9.94
C ARG A 156 -12.52 -10.83 8.45
N ALA A 157 -11.78 -10.13 7.61
CA ALA A 157 -11.79 -10.17 6.17
C ALA A 157 -11.20 -11.47 5.61
N VAL A 158 -10.16 -12.00 6.24
CA VAL A 158 -9.55 -13.24 5.78
C VAL A 158 -10.57 -14.36 6.13
N GLN A 159 -11.15 -14.15 7.34
CA GLN A 159 -12.10 -15.15 7.84
C GLN A 159 -13.27 -15.35 6.84
N ASP A 160 -13.77 -14.25 6.33
CA ASP A 160 -14.87 -14.24 5.40
C ASP A 160 -14.56 -14.89 4.03
N GLY A 161 -13.44 -14.47 3.47
CA GLY A 161 -13.07 -15.01 2.16
C GLY A 161 -12.72 -16.48 2.35
N LEU A 162 -12.52 -16.88 3.61
CA LEU A 162 -12.13 -18.28 3.90
C LEU A 162 -13.38 -19.11 3.79
N LYS A 163 -14.56 -18.62 4.22
CA LYS A 163 -15.71 -19.50 4.06
C LYS A 163 -16.41 -19.40 2.72
N LYS A 164 -16.35 -18.25 2.08
CA LYS A 164 -16.90 -18.29 0.64
C LYS A 164 -15.69 -19.06 0.16
N GLY A 165 -15.64 -20.23 -0.26
CA GLY A 165 -14.25 -20.82 -0.56
C GLY A 165 -14.26 -22.16 0.17
N ASN A 166 -15.17 -22.25 1.12
CA ASN A 166 -15.56 -23.35 1.96
C ASN A 166 -14.40 -23.96 2.75
N ALA A 167 -13.56 -23.09 3.31
CA ALA A 167 -12.46 -23.54 4.16
C ALA A 167 -12.98 -23.87 5.57
N ASN A 168 -12.15 -24.67 6.21
CA ASN A 168 -12.26 -25.24 7.55
C ASN A 168 -11.52 -24.36 8.55
N VAL A 169 -12.26 -23.35 8.94
CA VAL A 169 -11.77 -22.37 9.95
C VAL A 169 -12.14 -22.92 11.34
N VAL A 170 -11.31 -23.78 11.89
CA VAL A 170 -11.58 -24.37 13.19
C VAL A 170 -11.90 -23.41 14.30
N PHE A 171 -11.23 -22.29 14.45
CA PHE A 171 -11.55 -21.35 15.56
C PHE A 171 -10.97 -19.97 15.21
N PHE A 172 -11.56 -18.97 15.77
CA PHE A 172 -11.29 -17.52 15.61
C PHE A 172 -11.10 -17.01 17.03
N ASP A 173 -9.96 -16.50 17.39
CA ASP A 173 -9.68 -16.11 18.80
C ASP A 173 -8.98 -14.78 18.94
N GLY A 174 -9.23 -14.10 20.03
CA GLY A 174 -8.67 -12.80 20.36
C GLY A 174 -7.47 -12.90 21.27
N ILE A 175 -6.56 -11.92 21.20
CA ILE A 175 -5.37 -11.91 22.04
C ILE A 175 -5.19 -10.51 22.59
N THR A 176 -4.78 -10.48 23.83
CA THR A 176 -4.61 -9.20 24.50
C THR A 176 -3.22 -8.67 24.14
N ALA A 177 -3.30 -7.67 23.27
CA ALA A 177 -2.08 -6.97 22.85
C ALA A 177 -1.36 -6.60 24.16
N GLY A 178 -0.10 -6.95 24.18
CA GLY A 178 0.79 -6.75 25.33
C GLY A 178 1.02 -8.12 25.96
N GLU A 179 0.29 -9.15 25.52
CA GLU A 179 0.55 -10.48 26.12
C GLU A 179 1.94 -10.89 25.53
N LYS A 180 2.67 -11.58 26.39
CA LYS A 180 3.99 -12.13 26.10
C LYS A 180 3.85 -13.64 26.44
N ASP A 181 2.88 -13.99 27.25
CA ASP A 181 2.68 -15.38 27.56
C ASP A 181 1.58 -15.99 26.66
N PHE A 182 1.90 -16.78 25.66
CA PHE A 182 0.86 -17.38 24.82
C PHE A 182 0.75 -18.88 24.98
N SER A 183 1.13 -19.44 26.10
CA SER A 183 1.09 -20.87 26.40
C SER A 183 -0.30 -21.42 26.06
N THR A 184 -1.27 -20.59 26.39
CA THR A 184 -2.70 -20.95 26.24
C THR A 184 -3.18 -21.14 24.81
N LEU A 185 -2.71 -20.27 23.94
CA LEU A 185 -2.96 -20.25 22.53
C LEU A 185 -2.24 -21.46 21.91
N VAL A 186 -0.95 -21.54 22.25
CA VAL A 186 -0.14 -22.64 21.68
C VAL A 186 -0.67 -23.97 22.17
N ALA A 187 -1.17 -24.22 23.35
CA ALA A 187 -1.67 -25.56 23.65
C ALA A 187 -2.93 -25.87 22.84
N ARG A 188 -3.67 -24.87 22.49
CA ARG A 188 -4.92 -24.99 21.72
C ARG A 188 -4.65 -25.26 20.26
N LEU A 189 -3.54 -24.68 19.79
CA LEU A 189 -3.14 -24.93 18.38
C LEU A 189 -2.75 -26.42 18.32
N LYS A 190 -2.09 -26.84 19.38
CA LYS A 190 -1.60 -28.21 19.51
C LYS A 190 -2.71 -29.26 19.34
N LYS A 191 -3.67 -29.13 20.20
CA LYS A 191 -4.85 -29.89 20.44
C LYS A 191 -5.85 -29.97 19.28
N GLU A 192 -6.34 -28.86 18.80
CA GLU A 192 -7.26 -28.86 17.68
C GLU A 192 -6.45 -29.07 16.40
N ASN A 193 -5.19 -29.41 16.58
CA ASN A 193 -4.24 -29.70 15.49
C ASN A 193 -4.34 -28.73 14.31
N ILE A 194 -3.91 -27.50 14.52
CA ILE A 194 -3.96 -26.49 13.44
C ILE A 194 -2.70 -26.64 12.63
N ASP A 195 -2.73 -26.57 11.35
CA ASP A 195 -1.54 -26.63 10.45
C ASP A 195 -1.22 -25.27 9.81
N PHE A 196 -2.14 -24.35 9.90
CA PHE A 196 -2.01 -23.01 9.33
C PHE A 196 -2.62 -21.96 10.27
N VAL A 197 -1.90 -20.91 10.64
CA VAL A 197 -2.50 -19.86 11.44
C VAL A 197 -2.37 -18.52 10.67
N TYR A 198 -3.48 -17.75 10.67
CA TYR A 198 -3.46 -16.41 10.11
C TYR A 198 -3.52 -15.49 11.39
N TYR A 199 -2.55 -14.62 11.53
CA TYR A 199 -2.41 -13.69 12.62
C TYR A 199 -2.47 -12.23 12.16
N GLY A 200 -3.57 -11.61 12.60
CA GLY A 200 -3.90 -10.22 12.32
C GLY A 200 -3.48 -9.39 13.55
N GLY A 201 -2.34 -8.72 13.32
CA GLY A 201 -1.72 -7.87 14.27
C GLY A 201 -0.36 -7.28 13.87
N TYR A 202 0.41 -7.20 14.95
CA TYR A 202 1.74 -6.60 14.88
C TYR A 202 2.83 -7.57 15.25
N HIS A 203 4.08 -7.18 15.00
CA HIS A 203 5.23 -8.02 15.24
C HIS A 203 5.59 -8.40 16.65
N PRO A 204 5.25 -7.62 17.66
CA PRO A 204 5.67 -7.97 19.06
C PRO A 204 5.12 -9.34 19.39
N GLU A 205 3.81 -9.37 19.33
CA GLU A 205 2.97 -10.53 19.52
C GLU A 205 3.33 -11.58 18.48
N MET A 206 3.49 -11.21 17.21
CA MET A 206 3.85 -12.28 16.20
C MET A 206 5.13 -13.01 16.57
N GLY A 207 6.11 -12.25 17.00
CA GLY A 207 7.40 -12.79 17.38
C GLY A 207 7.26 -13.63 18.65
N GLN A 208 6.25 -13.31 19.42
CA GLN A 208 5.97 -14.03 20.67
C GLN A 208 5.43 -15.42 20.36
N ILE A 209 4.37 -15.45 19.63
CA ILE A 209 3.66 -16.64 19.20
C ILE A 209 4.50 -17.65 18.45
N LEU A 210 5.39 -17.09 17.63
CA LEU A 210 6.25 -17.92 16.76
C LEU A 210 7.25 -18.64 17.66
N ARG A 211 7.94 -17.84 18.46
CA ARG A 211 8.98 -18.42 19.34
C ARG A 211 8.40 -19.60 20.10
N GLN A 212 7.34 -19.22 20.77
CA GLN A 212 6.56 -20.07 21.61
C GLN A 212 5.94 -21.25 20.88
N ALA A 213 5.48 -21.10 19.67
CA ALA A 213 4.83 -22.13 18.87
C ALA A 213 5.84 -23.14 18.34
N ARG A 214 7.07 -22.73 18.16
CA ARG A 214 8.14 -23.61 17.65
C ARG A 214 8.72 -24.34 18.84
N ALA A 215 8.87 -23.59 19.93
CA ALA A 215 9.40 -24.25 21.16
C ALA A 215 8.49 -25.39 21.55
N ALA A 216 7.20 -25.33 21.25
CA ALA A 216 6.29 -26.42 21.61
C ALA A 216 6.23 -27.55 20.63
N GLY A 217 7.07 -27.49 19.62
CA GLY A 217 7.23 -28.43 18.52
C GLY A 217 6.12 -28.35 17.49
N LEU A 218 5.45 -27.25 17.49
CA LEU A 218 4.31 -26.99 16.56
C LEU A 218 4.95 -26.71 15.22
N LYS A 219 4.44 -27.37 14.18
CA LYS A 219 4.91 -27.21 12.82
C LYS A 219 4.00 -26.29 11.99
N THR A 220 2.97 -25.72 12.59
CA THR A 220 2.05 -24.79 12.00
C THR A 220 2.65 -23.72 11.11
N GLN A 221 2.08 -23.51 9.94
CA GLN A 221 2.48 -22.50 8.98
C GLN A 221 1.72 -21.23 9.39
N PHE A 222 2.35 -20.15 9.58
CA PHE A 222 1.77 -18.86 9.95
C PHE A 222 1.79 -17.87 8.76
N MET A 223 0.82 -16.96 8.80
CA MET A 223 0.69 -15.87 7.82
C MET A 223 0.21 -14.62 8.59
N GLY A 224 0.80 -13.49 8.23
CA GLY A 224 0.41 -12.23 8.87
C GLY A 224 0.44 -11.17 7.76
N PRO A 225 -0.07 -10.00 8.11
CA PRO A 225 -0.04 -8.84 7.18
C PRO A 225 1.20 -8.02 7.42
N GLU A 226 1.44 -7.03 6.52
CA GLU A 226 2.64 -6.25 6.71
C GLU A 226 2.84 -5.67 8.08
N GLY A 227 1.88 -5.35 8.88
CA GLY A 227 2.18 -4.78 10.20
C GLY A 227 3.16 -5.66 10.98
N VAL A 228 3.49 -6.81 10.50
CA VAL A 228 4.32 -7.88 11.06
C VAL A 228 5.73 -7.97 10.51
N ALA A 229 5.91 -7.41 9.34
CA ALA A 229 7.18 -7.41 8.60
C ALA A 229 8.11 -6.32 9.11
N ASN A 230 8.65 -6.48 10.31
CA ASN A 230 9.51 -5.39 10.85
C ASN A 230 10.80 -6.04 11.27
N VAL A 231 11.86 -5.28 11.10
CA VAL A 231 13.23 -5.70 11.46
C VAL A 231 13.25 -6.30 12.90
N SER A 232 12.47 -5.77 13.81
CA SER A 232 12.24 -6.11 15.16
C SER A 232 11.74 -7.58 15.28
N LEU A 233 10.93 -7.89 14.25
CA LEU A 233 10.35 -9.25 14.27
C LEU A 233 11.54 -10.22 14.20
N SER A 234 12.38 -9.92 13.19
CA SER A 234 13.49 -10.92 13.12
C SER A 234 14.54 -10.74 14.17
N ASN A 235 14.68 -9.53 14.74
CA ASN A 235 15.73 -9.37 15.76
C ASN A 235 15.40 -10.28 16.94
N ILE A 236 14.11 -10.52 17.09
CA ILE A 236 13.56 -11.30 18.20
C ILE A 236 13.14 -12.72 17.96
N ALA A 237 12.61 -12.94 16.78
CA ALA A 237 12.10 -14.25 16.43
C ALA A 237 13.25 -15.15 15.97
N GLY A 238 14.05 -14.65 15.07
CA GLY A 238 15.12 -15.40 14.42
C GLY A 238 14.42 -16.43 13.49
N GLU A 239 14.87 -17.64 13.70
CA GLU A 239 14.59 -18.93 13.12
C GLU A 239 13.13 -19.35 13.05
N SER A 240 12.49 -18.98 14.14
CA SER A 240 11.06 -19.18 14.36
C SER A 240 10.23 -18.45 13.29
N ALA A 241 10.82 -17.48 12.65
CA ALA A 241 10.12 -16.68 11.65
C ALA A 241 10.44 -17.17 10.24
N GLU A 242 11.21 -18.22 10.12
CA GLU A 242 11.66 -18.78 8.84
C GLU A 242 10.47 -19.54 8.27
N GLY A 243 10.04 -19.05 7.11
CA GLY A 243 8.86 -19.71 6.48
C GLY A 243 7.61 -18.94 6.79
N LEU A 244 7.64 -17.83 7.55
CA LEU A 244 6.38 -17.10 7.75
C LEU A 244 6.08 -16.41 6.38
N LEU A 245 4.79 -16.54 6.06
CA LEU A 245 4.23 -15.93 4.86
C LEU A 245 3.78 -14.53 5.33
N VAL A 246 4.10 -13.56 4.49
CA VAL A 246 3.78 -12.18 4.82
C VAL A 246 3.12 -11.47 3.65
N THR A 247 2.20 -10.58 4.00
CA THR A 247 1.46 -9.80 2.97
C THR A 247 2.03 -8.41 2.88
N LYS A 248 2.46 -8.04 1.70
CA LYS A 248 3.05 -6.68 1.58
C LYS A 248 3.16 -6.33 0.12
N PRO A 249 3.36 -5.04 -0.11
CA PRO A 249 3.44 -4.56 -1.49
C PRO A 249 4.42 -5.32 -2.34
N LYS A 250 4.11 -5.47 -3.61
CA LYS A 250 4.95 -6.14 -4.61
C LYS A 250 6.11 -5.20 -4.96
N ASN A 251 7.23 -5.85 -5.23
CA ASN A 251 8.47 -5.14 -5.61
C ASN A 251 8.30 -4.82 -7.10
N TYR A 252 7.71 -3.70 -7.40
CA TYR A 252 7.49 -3.30 -8.80
C TYR A 252 8.83 -3.05 -9.47
N ASP A 253 9.72 -2.77 -8.61
CA ASP A 253 11.16 -2.50 -8.66
C ASP A 253 11.86 -3.50 -9.64
N GLN A 254 11.39 -4.72 -9.38
CA GLN A 254 11.78 -5.99 -9.85
C GLN A 254 11.02 -6.64 -10.98
N VAL A 255 10.02 -6.01 -11.51
CA VAL A 255 9.32 -6.68 -12.67
C VAL A 255 10.17 -6.44 -13.92
N PRO A 256 10.37 -7.51 -14.63
CA PRO A 256 11.21 -7.47 -15.84
C PRO A 256 10.95 -6.21 -16.64
N ALA A 257 9.73 -5.77 -16.77
CA ALA A 257 9.43 -4.59 -17.55
C ALA A 257 9.79 -3.24 -16.95
N ASN A 258 9.97 -3.08 -15.66
CA ASN A 258 10.27 -1.78 -15.02
C ASN A 258 11.77 -1.48 -15.07
N LYS A 259 12.41 -2.50 -15.66
CA LYS A 259 13.90 -2.48 -15.76
C LYS A 259 14.45 -1.17 -16.23
N PRO A 260 14.09 -0.69 -17.42
CA PRO A 260 14.55 0.62 -17.93
C PRO A 260 14.29 1.74 -16.93
N ILE A 261 13.31 1.60 -16.04
CA ILE A 261 13.06 2.67 -15.05
C ILE A 261 14.01 2.60 -13.86
N VAL A 262 14.26 1.38 -13.42
CA VAL A 262 15.20 1.01 -12.35
C VAL A 262 16.60 1.38 -12.86
N ASP A 263 16.95 0.85 -14.02
CA ASP A 263 18.28 1.17 -14.59
C ASP A 263 18.47 2.68 -14.40
N ALA A 264 17.78 3.50 -15.10
CA ALA A 264 17.74 4.92 -15.10
C ALA A 264 17.58 5.65 -13.79
N ILE A 265 16.96 5.10 -12.77
CA ILE A 265 16.77 5.89 -11.50
C ILE A 265 18.13 5.89 -10.79
N LYS A 266 18.74 4.70 -10.80
CA LYS A 266 19.99 4.29 -10.24
C LYS A 266 21.22 4.91 -10.90
N ALA A 267 21.09 5.49 -12.07
CA ALA A 267 22.07 6.15 -12.87
C ALA A 267 22.29 7.57 -12.29
N LYS A 268 21.24 8.02 -11.64
CA LYS A 268 21.28 9.40 -11.08
C LYS A 268 21.51 9.29 -9.61
N LYS A 269 22.02 8.12 -9.29
CA LYS A 269 22.32 7.67 -7.93
C LYS A 269 21.13 7.87 -7.01
N GLN A 270 19.97 7.41 -7.39
CA GLN A 270 18.76 7.58 -6.53
C GLN A 270 18.35 6.12 -6.28
N ASP A 271 17.49 5.94 -5.31
CA ASP A 271 17.05 4.59 -4.87
C ASP A 271 15.66 4.23 -5.36
N PRO A 272 15.62 3.36 -6.33
CA PRO A 272 14.42 2.87 -6.96
C PRO A 272 13.69 1.71 -6.32
N SER A 273 13.99 1.31 -5.13
CA SER A 273 13.38 0.19 -4.42
C SER A 273 12.22 0.66 -3.57
N GLY A 274 12.28 1.87 -3.03
CA GLY A 274 11.14 2.38 -2.24
C GLY A 274 9.82 2.22 -3.01
N ALA A 275 8.76 2.11 -2.24
CA ALA A 275 7.40 1.92 -2.64
C ALA A 275 6.68 3.10 -3.25
N PHE A 276 6.86 4.33 -2.84
CA PHE A 276 6.10 5.47 -3.43
C PHE A 276 6.67 5.92 -4.75
N VAL A 277 7.79 5.29 -5.11
CA VAL A 277 8.47 5.54 -6.37
C VAL A 277 7.53 4.92 -7.43
N TRP A 278 6.94 3.78 -7.17
CA TRP A 278 6.05 3.05 -8.06
C TRP A 278 4.63 3.59 -8.05
N THR A 279 4.14 3.90 -6.85
CA THR A 279 2.84 4.47 -6.68
C THR A 279 2.88 5.90 -7.21
N THR A 280 3.96 6.64 -7.17
CA THR A 280 3.98 8.00 -7.70
C THR A 280 4.13 7.98 -9.23
N TYR A 281 5.01 7.18 -9.72
CA TYR A 281 5.22 7.01 -11.18
C TYR A 281 3.89 6.65 -11.81
N ALA A 282 3.16 5.69 -11.31
CA ALA A 282 1.90 5.17 -11.77
C ALA A 282 0.78 6.22 -11.73
N ALA A 283 0.90 7.08 -10.74
CA ALA A 283 0.00 8.21 -10.52
C ALA A 283 0.25 9.19 -11.68
N LEU A 284 1.49 9.33 -12.10
CA LEU A 284 1.82 10.22 -13.20
C LEU A 284 1.32 9.64 -14.50
N GLN A 285 1.37 8.32 -14.60
CA GLN A 285 0.93 7.66 -15.84
C GLN A 285 -0.56 7.76 -16.11
N SER A 286 -1.30 7.80 -15.00
CA SER A 286 -2.75 7.88 -15.00
C SER A 286 -3.17 9.31 -15.34
N LEU A 287 -2.50 10.26 -14.75
CA LEU A 287 -2.89 11.67 -15.05
C LEU A 287 -2.57 11.97 -16.54
N GLN A 288 -1.51 11.38 -17.07
CA GLN A 288 -1.12 11.56 -18.47
C GLN A 288 -2.17 10.92 -19.40
N ALA A 289 -2.72 9.76 -19.01
CA ALA A 289 -3.67 9.09 -19.90
C ALA A 289 -4.94 9.89 -19.96
N GLY A 290 -5.20 10.48 -18.79
CA GLY A 290 -6.40 11.33 -18.63
C GLY A 290 -6.24 12.64 -19.41
N LEU A 291 -5.04 13.22 -19.34
CA LEU A 291 -4.72 14.48 -20.02
C LEU A 291 -4.80 14.39 -21.55
N ASN A 292 -4.51 13.30 -22.13
CA ASN A 292 -4.54 13.01 -23.55
C ASN A 292 -6.00 13.00 -24.04
N GLN A 293 -6.85 12.98 -23.12
CA GLN A 293 -8.31 12.89 -23.20
C GLN A 293 -9.00 14.21 -23.03
N SER A 294 -8.66 14.88 -21.94
CA SER A 294 -9.25 16.18 -21.58
C SER A 294 -8.40 16.95 -20.57
N ASP A 295 -8.54 18.24 -20.55
CA ASP A 295 -7.85 19.13 -19.64
C ASP A 295 -8.54 19.22 -18.25
N ASP A 296 -9.83 19.03 -18.30
CA ASP A 296 -10.74 19.17 -17.19
C ASP A 296 -10.63 18.09 -16.12
N PRO A 297 -10.25 18.53 -14.92
CA PRO A 297 -10.14 17.63 -13.77
C PRO A 297 -11.34 16.76 -13.61
N ALA A 298 -12.54 17.25 -13.80
CA ALA A 298 -13.78 16.41 -13.66
C ALA A 298 -13.89 15.38 -14.79
N GLU A 299 -13.33 15.73 -15.93
CA GLU A 299 -13.33 14.93 -17.14
C GLU A 299 -12.31 13.82 -17.13
N ILE A 300 -11.21 14.06 -16.44
CA ILE A 300 -10.12 13.09 -16.25
C ILE A 300 -10.60 12.09 -15.20
N ALA A 301 -11.09 12.59 -14.08
CA ALA A 301 -11.58 11.72 -12.97
C ALA A 301 -12.56 10.68 -13.49
N LYS A 302 -13.43 11.12 -14.34
CA LYS A 302 -14.49 10.40 -15.04
C LYS A 302 -13.91 9.40 -16.01
N TYR A 303 -13.07 9.88 -16.92
CA TYR A 303 -12.36 9.02 -17.85
C TYR A 303 -11.62 7.91 -17.14
N LEU A 304 -10.93 8.15 -16.05
CA LEU A 304 -10.14 7.21 -15.25
C LEU A 304 -10.96 6.14 -14.53
N LYS A 305 -11.98 6.60 -13.85
CA LYS A 305 -12.93 5.84 -13.11
C LYS A 305 -13.75 4.89 -13.96
N ALA A 306 -13.66 4.91 -15.28
CA ALA A 306 -14.45 4.03 -16.18
C ALA A 306 -13.64 3.17 -17.12
N ASN A 307 -12.38 3.50 -17.17
CA ASN A 307 -11.40 2.83 -18.06
C ASN A 307 -10.37 2.17 -17.18
N SER A 308 -9.34 1.64 -17.80
CA SER A 308 -8.26 0.93 -17.07
C SER A 308 -6.96 1.61 -17.39
N VAL A 309 -6.00 1.72 -16.51
CA VAL A 309 -4.76 2.38 -16.96
C VAL A 309 -3.60 1.45 -16.69
N ASP A 310 -2.92 1.22 -17.74
CA ASP A 310 -1.72 0.43 -17.87
C ASP A 310 -0.52 1.16 -17.29
N THR A 311 -0.10 0.83 -16.13
CA THR A 311 1.01 1.46 -15.40
C THR A 311 2.11 0.48 -15.06
N VAL A 312 3.11 1.05 -14.43
CA VAL A 312 4.34 0.41 -13.94
C VAL A 312 4.10 -0.56 -12.80
N MET A 313 2.92 -0.50 -12.23
CA MET A 313 2.28 -1.19 -11.16
C MET A 313 1.27 -2.23 -11.69
N GLY A 314 1.08 -2.34 -12.97
CA GLY A 314 0.06 -3.27 -13.55
C GLY A 314 -1.09 -2.40 -14.11
N PRO A 315 -2.05 -3.07 -14.73
CA PRO A 315 -3.26 -2.39 -15.29
C PRO A 315 -4.02 -1.86 -14.07
N LEU A 316 -4.45 -0.61 -14.02
CA LEU A 316 -5.11 -0.06 -12.84
C LEU A 316 -6.54 0.31 -13.20
N THR A 317 -7.40 0.14 -12.23
CA THR A 317 -8.83 0.40 -12.33
C THR A 317 -9.36 0.98 -11.04
N TRP A 318 -10.19 1.98 -11.04
CA TRP A 318 -10.81 2.58 -9.85
C TRP A 318 -12.33 2.35 -9.74
N ASP A 319 -12.81 2.41 -8.50
CA ASP A 319 -14.24 2.37 -8.13
C ASP A 319 -14.64 3.85 -8.22
N GLU A 320 -15.88 4.14 -7.92
CA GLU A 320 -16.52 5.47 -8.04
C GLU A 320 -16.19 6.50 -6.97
N LYS A 321 -15.52 6.02 -5.97
CA LYS A 321 -15.08 6.66 -4.73
C LYS A 321 -13.63 7.04 -4.96
N GLY A 322 -13.03 6.41 -5.97
CA GLY A 322 -11.66 6.59 -6.40
C GLY A 322 -10.60 5.72 -5.74
N ASP A 323 -10.95 4.57 -5.24
CA ASP A 323 -10.14 3.55 -4.57
C ASP A 323 -9.69 2.50 -5.62
N LEU A 324 -8.54 1.91 -5.52
CA LEU A 324 -8.11 0.93 -6.55
C LEU A 324 -9.07 -0.24 -6.40
N LYS A 325 -9.36 -0.81 -7.53
CA LYS A 325 -10.28 -1.95 -7.65
C LYS A 325 -9.46 -3.25 -7.76
N GLY A 326 -9.94 -4.32 -7.22
CA GLY A 326 -9.32 -5.64 -7.29
C GLY A 326 -7.82 -5.63 -7.03
N PHE A 327 -7.37 -4.69 -6.21
CA PHE A 327 -5.99 -4.48 -5.81
C PHE A 327 -5.51 -5.64 -4.92
N GLU A 328 -4.26 -5.97 -5.20
CA GLU A 328 -3.54 -7.02 -4.54
C GLU A 328 -2.10 -6.77 -4.12
N PHE A 329 -1.90 -7.20 -2.90
CA PHE A 329 -0.56 -7.23 -2.29
C PHE A 329 0.12 -8.53 -2.77
N GLY A 330 1.41 -8.55 -2.48
CA GLY A 330 2.26 -9.69 -2.81
C GLY A 330 2.42 -10.48 -1.51
N VAL A 331 2.72 -11.71 -1.64
CA VAL A 331 3.00 -12.66 -0.59
C VAL A 331 4.50 -12.92 -0.67
N PHE A 332 5.16 -12.87 0.47
CA PHE A 332 6.59 -13.02 0.64
C PHE A 332 6.79 -14.08 1.68
N ASP A 333 7.85 -14.86 1.51
CA ASP A 333 8.34 -15.91 2.38
C ASP A 333 9.39 -15.17 3.21
N TRP A 334 9.14 -15.06 4.49
CA TRP A 334 10.11 -14.32 5.32
C TRP A 334 11.30 -15.15 5.73
N HIS A 335 12.40 -14.50 6.07
CA HIS A 335 13.58 -15.26 6.50
C HIS A 335 14.11 -14.95 7.88
N ALA A 336 14.88 -15.94 8.38
CA ALA A 336 15.54 -15.80 9.68
C ALA A 336 16.38 -14.55 9.79
N ASN A 337 16.89 -13.97 8.72
CA ASN A 337 17.68 -12.73 8.84
C ASN A 337 16.91 -11.48 8.44
N GLY A 338 15.62 -11.40 8.43
CA GLY A 338 14.93 -10.12 8.13
C GLY A 338 14.78 -9.80 6.66
N THR A 339 15.03 -10.78 5.89
CA THR A 339 14.98 -10.84 4.44
C THR A 339 13.72 -11.64 4.10
N ALA A 340 13.17 -11.30 2.95
CA ALA A 340 11.95 -11.98 2.47
C ALA A 340 12.06 -12.11 0.96
N THR A 341 11.60 -13.15 0.33
CA THR A 341 11.54 -13.59 -1.04
C THR A 341 10.09 -13.68 -1.54
N ASP A 342 9.90 -13.55 -2.82
CA ASP A 342 8.57 -13.70 -3.47
C ASP A 342 8.12 -15.13 -3.13
N ALA A 343 6.90 -15.30 -2.69
CA ALA A 343 6.42 -16.69 -2.42
C ALA A 343 5.94 -17.21 -3.77
N LYS A 344 5.85 -18.51 -3.87
CA LYS A 344 5.39 -19.16 -5.13
C LYS A 344 3.92 -18.73 -5.35
#